data_3NR8
#
_entry.id   3NR8
#
_cell.length_a   44.796
_cell.length_b   61.177
_cell.length_c   114.320
_cell.angle_alpha   90.00
_cell.angle_beta   91.90
_cell.angle_gamma   90.00
#
_symmetry.space_group_name_H-M   'P 1 21 1'
#
loop_
_entity.id
_entity.type
_entity.pdbx_description
1 polymer 'Phosphatidylinositol-3,4,5-trisphosphate 5-phosphatase 2'
2 non-polymer 'CHLORIDE ION'
3 water water
#
_entity_poly.entity_id   1
_entity_poly.type   'polypeptide(L)'
_entity_poly.pdbx_seq_one_letter_code
;SMDEPDMISVFIGTWNMGSVPPPKNVTSWFTSKGLGKTLDEVTVTIPHDIYVFGTQENSVGDREWLDLLRGGLKELTDLD
YRPIAMQSLWNIKVAVLVKPEHENRISHVSTSSVKTGIANTLGNKGAVGVSFMFNGTSFGFVNCHLTSGNEKTARRNQNY
LDILRLLSLGDRQLNAFDISLRFTHLFWFGDLNYRLDMDIQEILNYISRKEFEPLLRVDQLNLEREKHKVFLRFSEEEIS
FPPTYRYERGSRDTYAWHKQKPTGVRTNVPSWCDRILWKSYPETHIICNSYGCTDDIVTSDHSPVFGTFEVGVTSQ
;
_entity_poly.pdbx_strand_id   B,A
#
loop_
_chem_comp.id
_chem_comp.type
_chem_comp.name
_chem_comp.formula
CL non-polymer 'CHLORIDE ION' 'Cl -1'
#
# COMPACT_ATOMS: atom_id res chain seq x y z
N GLU A 4 9.75 -31.48 29.18
CA GLU A 4 11.07 -31.45 28.46
C GLU A 4 11.06 -30.93 27.00
N PRO A 5 9.87 -30.76 26.38
CA PRO A 5 9.88 -30.36 24.96
C PRO A 5 10.24 -28.89 24.70
N ASP A 6 11.30 -28.64 23.94
CA ASP A 6 11.74 -27.26 23.66
C ASP A 6 10.82 -26.57 22.64
N MET A 7 10.17 -27.37 21.78
CA MET A 7 9.31 -26.87 20.69
C MET A 7 7.89 -27.41 20.85
N ILE A 8 6.88 -26.66 20.41
CA ILE A 8 5.51 -27.21 20.25
C ILE A 8 4.79 -26.67 19.00
N SER A 9 4.06 -27.55 18.30
CA SER A 9 3.29 -27.15 17.12
C SER A 9 1.89 -26.74 17.53
N VAL A 10 1.48 -25.56 17.06
CA VAL A 10 0.17 -24.99 17.41
C VAL A 10 -0.63 -24.77 16.14
N PHE A 11 -1.91 -25.13 16.21
CA PHE A 11 -2.84 -24.92 15.11
C PHE A 11 -3.87 -23.85 15.49
N ILE A 12 -3.82 -22.71 14.81
CA ILE A 12 -4.88 -21.69 14.86
C ILE A 12 -5.75 -21.79 13.59
N GLY A 13 -7.01 -22.09 13.79
CA GLY A 13 -7.98 -22.18 12.70
C GLY A 13 -9.10 -21.19 12.97
N THR A 14 -9.45 -20.40 11.95
CA THR A 14 -10.51 -19.41 12.05
C THR A 14 -11.50 -19.60 10.92
N TRP A 15 -12.79 -19.57 11.25
CA TRP A 15 -13.82 -19.77 10.23
C TRP A 15 -15.10 -19.03 10.63
N ASN A 16 -15.68 -18.33 9.66
CA ASN A 16 -16.99 -17.74 9.83
C ASN A 16 -17.99 -18.69 9.24
N MET A 17 -18.66 -19.44 10.11
CA MET A 17 -19.54 -20.54 9.71
C MET A 17 -20.81 -20.07 8.97
N GLY A 18 -21.11 -18.77 9.08
CA GLY A 18 -22.18 -18.17 8.28
C GLY A 18 -23.57 -18.52 8.75
N SER A 19 -23.76 -18.60 10.07
CA SER A 19 -25.09 -18.79 10.67
C SER A 19 -25.69 -20.17 10.43
N VAL A 20 -24.86 -21.14 10.05
CA VAL A 20 -25.31 -22.49 9.71
C VAL A 20 -24.38 -23.50 10.32
N PRO A 21 -24.87 -24.71 10.63
CA PRO A 21 -23.94 -25.67 11.23
C PRO A 21 -22.87 -26.10 10.23
N PRO A 22 -21.78 -26.72 10.72
CA PRO A 22 -20.71 -27.19 9.85
C PRO A 22 -21.14 -28.47 9.16
N PRO A 23 -20.35 -28.95 8.19
CA PRO A 23 -20.66 -30.23 7.58
C PRO A 23 -20.08 -31.40 8.37
N LYS A 24 -20.36 -32.61 7.90
CA LYS A 24 -19.81 -33.86 8.43
C LYS A 24 -18.28 -33.86 8.46
N ASN A 25 -17.68 -33.45 7.34
CA ASN A 25 -16.23 -33.52 7.12
C ASN A 25 -15.57 -32.15 7.16
N VAL A 26 -14.55 -31.98 8.00
CA VAL A 26 -13.74 -30.75 8.03
C VAL A 26 -12.25 -31.07 8.21
N THR A 27 -11.78 -32.13 7.56
CA THR A 27 -10.40 -32.57 7.73
C THR A 27 -9.42 -31.56 7.16
N SER A 28 -9.74 -31.04 5.98
CA SER A 28 -8.85 -30.12 5.27
C SER A 28 -8.42 -29.00 6.20
N TRP A 29 -9.38 -28.45 6.93
CA TRP A 29 -9.17 -27.33 7.83
C TRP A 29 -8.13 -27.72 8.88
N PHE A 30 -8.39 -28.85 9.54
CA PHE A 30 -7.55 -29.36 10.61
C PHE A 30 -6.12 -29.64 10.20
N THR A 31 -5.95 -30.01 8.94
CA THR A 31 -4.68 -30.52 8.44
C THR A 31 -4.00 -29.58 7.44
N SER A 32 -4.49 -28.34 7.38
CA SER A 32 -3.92 -27.30 6.50
C SER A 32 -3.88 -27.72 5.02
N LYS A 33 -4.99 -28.30 4.55
CA LYS A 33 -5.11 -28.73 3.16
C LYS A 33 -6.00 -27.75 2.40
N GLY A 34 -5.61 -27.42 1.17
CA GLY A 34 -6.31 -26.41 0.36
C GLY A 34 -5.40 -25.49 -0.44
N LEU A 35 -5.60 -24.18 -0.28
CA LEU A 35 -4.83 -23.17 -1.03
C LEU A 35 -4.16 -22.18 -0.08
N GLY A 36 -3.01 -21.66 -0.52
CA GLY A 36 -2.15 -20.81 0.30
C GLY A 36 -0.81 -21.49 0.58
N LYS A 37 -0.15 -21.08 1.65
CA LYS A 37 0.97 -21.83 2.16
C LYS A 37 0.35 -23.01 2.87
N THR A 38 0.26 -24.14 2.17
CA THR A 38 -0.47 -25.31 2.65
C THR A 38 0.47 -26.48 2.92
N LEU A 39 -0.11 -27.58 3.40
CA LEU A 39 0.62 -28.81 3.71
C LEU A 39 0.32 -30.00 2.76
N ASP A 40 -0.39 -29.77 1.66
CA ASP A 40 -0.56 -30.80 0.62
C ASP A 40 0.82 -31.26 0.10
N VAL A 44 1.80 -38.01 5.88
CA VAL A 44 1.95 -38.54 7.24
C VAL A 44 0.82 -38.08 8.18
N THR A 45 0.45 -36.80 8.09
CA THR A 45 -0.47 -36.13 9.03
C THR A 45 -0.17 -36.37 10.50
N ILE A 46 0.80 -35.63 11.03
CA ILE A 46 1.20 -35.77 12.43
C ILE A 46 0.41 -34.74 13.25
N PRO A 47 -0.10 -35.14 14.43
CA PRO A 47 -1.00 -34.27 15.18
C PRO A 47 -0.26 -33.13 15.83
N HIS A 48 -0.93 -31.97 15.95
CA HIS A 48 -0.33 -30.77 16.55
C HIS A 48 -0.45 -30.82 18.05
N ASP A 49 0.51 -30.23 18.73
CA ASP A 49 0.54 -30.25 20.19
C ASP A 49 -0.69 -29.53 20.82
N ILE A 50 -1.16 -28.48 20.17
CA ILE A 50 -2.32 -27.70 20.63
C ILE A 50 -3.18 -27.40 19.42
N TYR A 51 -4.49 -27.53 19.57
CA TYR A 51 -5.43 -27.04 18.55
C TYR A 51 -6.25 -25.91 19.15
N VAL A 52 -6.37 -24.83 18.38
CA VAL A 52 -7.01 -23.61 18.82
C VAL A 52 -7.99 -23.18 17.73
N PHE A 53 -9.28 -23.22 18.04
CA PHE A 53 -10.32 -22.99 17.05
C PHE A 53 -11.10 -21.73 17.32
N GLY A 54 -11.03 -20.77 16.39
CA GLY A 54 -11.84 -19.54 16.45
C GLY A 54 -12.93 -19.56 15.39
N THR A 55 -14.14 -19.13 15.75
CA THR A 55 -15.24 -19.05 14.79
C THR A 55 -16.14 -17.89 15.16
N GLN A 56 -16.92 -17.41 14.19
CA GLN A 56 -17.60 -16.08 14.25
C GLN A 56 -19.14 -16.04 14.17
N GLU A 57 -19.75 -16.87 13.34
CA GLU A 57 -21.22 -16.94 13.30
C GLU A 57 -21.59 -18.39 13.46
N ASN A 58 -21.09 -18.97 14.55
CA ASN A 58 -21.25 -20.37 14.86
C ASN A 58 -22.54 -20.57 15.64
N SER A 59 -23.51 -21.18 15.00
CA SER A 59 -24.85 -21.32 15.55
C SER A 59 -25.02 -22.62 16.34
N VAL A 60 -23.99 -23.47 16.32
CA VAL A 60 -23.97 -24.68 17.11
C VAL A 60 -23.80 -24.31 18.61
N GLY A 61 -24.52 -25.01 19.49
CA GLY A 61 -24.40 -24.77 20.93
C GLY A 61 -22.99 -25.02 21.43
N ASP A 62 -22.65 -24.40 22.57
CA ASP A 62 -21.25 -24.36 23.04
C ASP A 62 -20.68 -25.73 23.44
N ARG A 63 -21.50 -26.60 24.02
CA ARG A 63 -21.04 -27.94 24.40
C ARG A 63 -21.15 -28.90 23.20
N GLU A 64 -22.25 -28.79 22.46
CA GLU A 64 -22.40 -29.44 21.15
C GLU A 64 -21.14 -29.20 20.31
N TRP A 65 -20.75 -27.93 20.22
CA TRP A 65 -19.70 -27.54 19.30
C TRP A 65 -18.37 -28.17 19.71
N LEU A 66 -18.09 -28.13 21.00
CA LEU A 66 -16.84 -28.66 21.52
C LEU A 66 -16.78 -30.19 21.38
N ASP A 67 -17.94 -30.86 21.42
CA ASP A 67 -18.02 -32.29 21.10
C ASP A 67 -17.43 -32.58 19.71
N LEU A 68 -17.86 -31.82 18.70
CA LEU A 68 -17.42 -32.06 17.32
C LEU A 68 -15.91 -31.95 17.21
N LEU A 69 -15.37 -30.88 17.79
CA LEU A 69 -13.92 -30.66 17.83
C LEU A 69 -13.20 -31.86 18.43
N ARG A 70 -13.62 -32.27 19.62
CA ARG A 70 -12.98 -33.39 20.32
C ARG A 70 -12.96 -34.66 19.47
N GLY A 71 -14.12 -34.99 18.88
CA GLY A 71 -14.29 -36.21 18.07
C GLY A 71 -13.76 -36.09 16.64
N GLY A 72 -13.69 -34.86 16.14
CA GLY A 72 -13.04 -34.61 14.86
C GLY A 72 -11.54 -34.85 14.92
N LEU A 73 -10.96 -34.52 16.08
CA LEU A 73 -9.54 -34.76 16.35
C LEU A 73 -9.26 -36.23 16.73
N LYS A 74 -10.27 -36.91 17.28
CA LYS A 74 -10.10 -38.31 17.65
C LYS A 74 -10.06 -39.17 16.40
N GLU A 75 -11.00 -38.94 15.48
CA GLU A 75 -11.03 -39.60 14.18
C GLU A 75 -9.73 -39.38 13.39
N LEU A 76 -9.15 -38.19 13.53
CA LEU A 76 -7.97 -37.83 12.77
C LEU A 76 -6.68 -38.38 13.38
N THR A 77 -6.51 -38.14 14.67
CA THR A 77 -5.26 -38.45 15.39
C THR A 77 -5.29 -39.77 16.14
N ASP A 78 -6.48 -40.16 16.61
CA ASP A 78 -6.65 -41.33 17.48
C ASP A 78 -6.24 -40.99 18.92
N LEU A 79 -6.28 -39.70 19.24
CA LEU A 79 -5.91 -39.20 20.56
C LEU A 79 -7.06 -38.40 21.15
N ASP A 80 -7.28 -38.56 22.45
CA ASP A 80 -8.30 -37.80 23.14
C ASP A 80 -7.76 -36.43 23.53
N TYR A 81 -7.74 -35.51 22.56
CA TYR A 81 -7.40 -34.13 22.87
C TYR A 81 -8.37 -33.65 23.94
N ARG A 82 -7.83 -32.99 24.96
CA ARG A 82 -8.67 -32.54 26.06
C ARG A 82 -8.74 -31.02 26.07
N PRO A 83 -9.96 -30.48 26.22
CA PRO A 83 -10.16 -29.04 26.18
C PRO A 83 -9.64 -28.33 27.42
N ILE A 84 -8.77 -27.35 27.20
CA ILE A 84 -8.18 -26.55 28.25
C ILE A 84 -9.08 -25.38 28.63
N ALA A 85 -9.73 -24.79 27.64
CA ALA A 85 -10.54 -23.59 27.87
C ALA A 85 -11.44 -23.29 26.69
N MET A 86 -12.53 -22.60 26.95
CA MET A 86 -13.48 -22.24 25.90
C MET A 86 -14.36 -21.07 26.32
N GLN A 87 -14.55 -20.12 25.41
CA GLN A 87 -15.29 -18.92 25.71
C GLN A 87 -16.21 -18.57 24.55
N SER A 88 -17.43 -18.12 24.85
CA SER A 88 -18.37 -17.65 23.81
C SER A 88 -18.87 -16.23 24.06
N LEU A 89 -19.16 -15.53 22.96
CA LEU A 89 -19.80 -14.21 22.99
C LEU A 89 -20.80 -14.15 21.84
N TRP A 90 -22.05 -14.52 22.13
CA TRP A 90 -23.08 -14.76 21.13
C TRP A 90 -22.64 -15.89 20.16
N ASN A 91 -22.44 -15.58 18.87
CA ASN A 91 -21.98 -16.61 17.94
C ASN A 91 -20.46 -16.59 17.67
N ILE A 92 -19.74 -15.74 18.41
CA ILE A 92 -18.28 -15.71 18.39
C ILE A 92 -17.77 -16.65 19.49
N LYS A 93 -17.00 -17.67 19.10
CA LYS A 93 -16.63 -18.75 20.01
C LYS A 93 -15.21 -19.21 19.71
N VAL A 94 -14.44 -19.48 20.76
CA VAL A 94 -13.09 -20.05 20.60
C VAL A 94 -12.86 -21.22 21.55
N ALA A 95 -11.98 -22.14 21.14
CA ALA A 95 -11.70 -23.35 21.93
C ALA A 95 -10.24 -23.79 21.82
N VAL A 96 -9.66 -24.20 22.95
CA VAL A 96 -8.25 -24.59 23.00
C VAL A 96 -8.15 -26.02 23.50
N LEU A 97 -7.72 -26.91 22.60
CA LEU A 97 -7.53 -28.33 22.92
C LEU A 97 -6.05 -28.69 22.90
N VAL A 98 -5.69 -29.78 23.56
CA VAL A 98 -4.30 -30.11 23.85
C VAL A 98 -4.08 -31.62 23.94
N LYS A 99 -2.89 -32.07 23.55
CA LYS A 99 -2.57 -33.50 23.61
C LYS A 99 -2.66 -33.98 25.04
N PRO A 100 -3.26 -35.16 25.26
CA PRO A 100 -3.35 -35.67 26.61
C PRO A 100 -2.06 -35.46 27.41
N GLU A 101 -0.93 -35.89 26.86
CA GLU A 101 0.37 -35.80 27.53
C GLU A 101 0.69 -34.39 28.04
N HIS A 102 0.21 -33.37 27.34
CA HIS A 102 0.48 -31.96 27.65
C HIS A 102 -0.46 -31.37 28.71
N GLU A 103 -1.41 -32.16 29.17
CA GLU A 103 -2.37 -31.73 30.20
C GLU A 103 -1.69 -31.03 31.39
N ASN A 104 -0.77 -31.73 32.04
CA ASN A 104 -0.12 -31.24 33.26
C ASN A 104 1.03 -30.27 33.03
N ARG A 105 1.01 -29.57 31.90
CA ARG A 105 1.94 -28.47 31.62
C ARG A 105 1.19 -27.13 31.53
N ILE A 106 -0.13 -27.17 31.37
CA ILE A 106 -0.93 -25.94 31.30
C ILE A 106 -1.23 -25.42 32.71
N SER A 107 -1.06 -24.12 32.89
CA SER A 107 -1.33 -23.46 34.15
C SER A 107 -1.80 -22.04 33.90
N HIS A 108 -2.27 -21.40 34.96
CA HIS A 108 -2.76 -20.02 34.87
C HIS A 108 -3.64 -19.82 33.65
N VAL A 109 -4.59 -20.73 33.44
CA VAL A 109 -5.53 -20.63 32.31
C VAL A 109 -6.58 -19.58 32.62
N SER A 110 -6.86 -18.72 31.64
CA SER A 110 -7.82 -17.62 31.82
C SER A 110 -8.65 -17.43 30.55
N THR A 111 -9.94 -17.11 30.69
CA THR A 111 -10.76 -16.69 29.54
C THR A 111 -11.38 -15.31 29.76
N SER A 112 -11.75 -14.66 28.65
CA SER A 112 -12.42 -13.36 28.71
C SER A 112 -13.09 -13.00 27.41
N SER A 113 -13.99 -12.02 27.47
CA SER A 113 -14.77 -11.58 26.31
C SER A 113 -14.92 -10.07 26.34
N VAL A 114 -15.14 -9.45 25.18
CA VAL A 114 -15.42 -8.01 25.09
C VAL A 114 -16.39 -7.70 23.95
N LYS A 115 -17.55 -7.15 24.30
CA LYS A 115 -18.52 -6.68 23.31
C LYS A 115 -18.19 -5.23 22.97
N THR A 116 -18.02 -4.94 21.68
CA THR A 116 -17.61 -3.61 21.21
C THR A 116 -18.68 -2.56 21.45
N GLY A 123 -24.51 -4.24 17.61
CA GLY A 123 -24.42 -5.39 18.49
C GLY A 123 -23.89 -6.63 17.79
N ASN A 124 -23.69 -7.70 18.56
CA ASN A 124 -23.25 -9.00 18.03
C ASN A 124 -21.76 -9.12 17.69
N LYS A 125 -21.01 -8.03 17.72
CA LYS A 125 -19.58 -8.06 17.37
C LYS A 125 -18.67 -7.78 18.56
N GLY A 126 -17.44 -8.33 18.49
CA GLY A 126 -16.49 -8.28 19.60
C GLY A 126 -15.40 -9.35 19.57
N ALA A 127 -14.82 -9.63 20.74
CA ALA A 127 -13.71 -10.61 20.85
C ALA A 127 -13.94 -11.64 21.95
N VAL A 128 -13.40 -12.83 21.73
CA VAL A 128 -13.40 -13.92 22.70
C VAL A 128 -11.97 -14.41 22.83
N GLY A 129 -11.51 -14.64 24.05
CA GLY A 129 -10.08 -14.88 24.25
C GLY A 129 -9.75 -15.89 25.33
N VAL A 130 -8.64 -16.58 25.12
CA VAL A 130 -8.08 -17.44 26.15
C VAL A 130 -6.58 -17.16 26.25
N SER A 131 -6.06 -17.24 27.48
CA SER A 131 -4.62 -17.25 27.73
C SER A 131 -4.28 -18.38 28.68
N PHE A 132 -3.03 -18.82 28.64
CA PHE A 132 -2.54 -19.83 29.57
C PHE A 132 -1.03 -19.93 29.49
N MET A 133 -0.42 -20.68 30.40
CA MET A 133 1.01 -20.91 30.41
C MET A 133 1.29 -22.38 30.08
N PHE A 134 2.18 -22.61 29.13
CA PHE A 134 2.68 -23.94 28.79
C PHE A 134 4.12 -24.07 29.35
N ASN A 135 4.27 -24.82 30.42
CA ASN A 135 5.48 -24.80 31.22
C ASN A 135 5.83 -23.36 31.66
N GLY A 136 6.94 -22.80 31.18
CA GLY A 136 7.29 -21.41 31.49
C GLY A 136 6.62 -20.41 30.57
N THR A 137 6.56 -20.74 29.27
CA THR A 137 6.07 -19.83 28.22
C THR A 137 4.58 -19.51 28.37
N SER A 138 4.20 -18.27 28.08
CA SER A 138 2.81 -17.81 28.14
C SER A 138 2.25 -17.59 26.74
N PHE A 139 0.96 -17.86 26.58
CA PHE A 139 0.30 -17.72 25.29
C PHE A 139 -1.00 -16.91 25.40
N GLY A 140 -1.40 -16.30 24.30
CA GLY A 140 -2.64 -15.56 24.23
C GLY A 140 -3.32 -15.78 22.89
N PHE A 141 -4.60 -16.09 22.95
CA PHE A 141 -5.37 -16.32 21.75
C PHE A 141 -6.61 -15.45 21.83
N VAL A 142 -6.64 -14.41 21.01
CA VAL A 142 -7.83 -13.61 20.79
C VAL A 142 -8.54 -14.02 19.49
N ASN A 143 -9.83 -14.32 19.58
CA ASN A 143 -10.68 -14.55 18.41
C ASN A 143 -11.77 -13.47 18.34
N CYS A 144 -11.90 -12.80 17.19
CA CYS A 144 -12.89 -11.73 17.06
C CYS A 144 -13.73 -11.67 15.77
N HIS A 145 -14.83 -10.92 15.89
CA HIS A 145 -15.68 -10.52 14.77
C HIS A 145 -15.75 -9.00 14.82
N LEU A 146 -15.35 -8.33 13.74
CA LEU A 146 -15.33 -6.87 13.70
C LEU A 146 -16.37 -6.28 12.76
N THR A 147 -16.64 -4.99 12.96
CA THR A 147 -17.59 -4.23 12.17
C THR A 147 -17.49 -4.50 10.67
N SER A 148 -18.61 -4.89 10.07
CA SER A 148 -18.68 -5.18 8.65
C SER A 148 -18.97 -3.91 7.84
N GLY A 149 -18.84 -4.01 6.51
CA GLY A 149 -19.18 -2.92 5.60
C GLY A 149 -17.98 -2.17 5.01
N ASN A 150 -17.86 -2.24 3.69
CA ASN A 150 -16.71 -1.70 2.96
C ASN A 150 -16.14 -0.39 3.49
N GLU A 151 -17.00 0.55 3.86
CA GLU A 151 -16.54 1.88 4.28
C GLU A 151 -16.34 2.08 5.80
N LYS A 152 -16.34 0.99 6.58
CA LYS A 152 -16.34 1.10 8.04
C LYS A 152 -14.97 0.78 8.62
N THR A 153 -13.95 1.32 7.97
CA THR A 153 -12.55 1.04 8.30
C THR A 153 -12.14 1.74 9.60
N ALA A 154 -12.76 2.88 9.90
CA ALA A 154 -12.52 3.58 11.16
C ALA A 154 -13.05 2.81 12.37
N ARG A 155 -14.24 2.22 12.22
CA ARG A 155 -14.91 1.51 13.33
C ARG A 155 -14.16 0.24 13.71
N ARG A 156 -13.63 -0.47 12.71
CA ARG A 156 -12.81 -1.65 12.98
C ARG A 156 -11.60 -1.23 13.80
N ASN A 157 -10.82 -0.31 13.27
CA ASN A 157 -9.70 0.28 13.99
C ASN A 157 -10.08 0.62 15.43
N GLN A 158 -11.28 1.14 15.66
CA GLN A 158 -11.77 1.35 17.05
C GLN A 158 -11.92 0.03 17.77
N ASN A 159 -12.61 -0.92 17.14
CA ASN A 159 -12.83 -2.25 17.70
C ASN A 159 -11.54 -2.85 18.23
N TYR A 160 -10.48 -2.76 17.44
CA TYR A 160 -9.19 -3.29 17.82
C TYR A 160 -8.77 -2.66 19.14
N LEU A 161 -8.71 -1.33 19.17
CA LEU A 161 -8.24 -0.59 20.35
C LEU A 161 -9.07 -0.87 21.60
N ASP A 162 -10.39 -0.97 21.42
CA ASP A 162 -11.28 -1.36 22.51
C ASP A 162 -10.96 -2.78 23.00
N ILE A 163 -10.81 -3.74 22.08
CA ILE A 163 -10.41 -5.09 22.47
C ILE A 163 -9.00 -5.11 23.08
N LEU A 164 -8.11 -4.26 22.58
CA LEU A 164 -6.74 -4.21 23.07
C LEU A 164 -6.66 -3.71 24.52
N ARG A 165 -7.50 -2.72 24.86
CA ARG A 165 -7.55 -2.18 26.23
C ARG A 165 -8.44 -3.05 27.13
N LEU A 166 -9.66 -3.29 26.68
CA LEU A 166 -10.71 -3.88 27.53
C LEU A 166 -10.66 -5.39 27.77
N LEU A 167 -9.87 -6.15 27.00
CA LEU A 167 -9.85 -7.61 27.22
C LEU A 167 -9.08 -7.99 28.48
N SER A 168 -9.70 -8.80 29.35
CA SER A 168 -9.12 -9.16 30.64
C SER A 168 -8.47 -10.55 30.63
N LEU A 169 -7.27 -10.64 30.06
CA LEU A 169 -6.48 -11.87 30.07
C LEU A 169 -5.14 -11.66 30.79
N LEU A 174 -1.05 -8.91 36.25
CA LEU A 174 -0.43 -7.86 35.43
C LEU A 174 -1.40 -7.22 34.42
N ASN A 175 -2.69 -7.51 34.54
CA ASN A 175 -3.66 -7.08 33.52
C ASN A 175 -3.95 -5.57 33.54
N ALA A 176 -4.04 -4.99 34.73
CA ALA A 176 -4.24 -3.54 34.88
C ALA A 176 -2.91 -2.78 34.76
N PHE A 177 -2.05 -3.18 33.83
CA PHE A 177 -0.75 -2.53 33.60
C PHE A 177 -0.39 -2.35 32.10
N ASP A 178 -0.62 -3.38 31.29
CA ASP A 178 -0.25 -3.40 29.86
C ASP A 178 -1.38 -3.99 28.98
N ILE A 179 -1.12 -4.36 27.72
CA ILE A 179 -2.17 -4.82 26.80
C ILE A 179 -1.75 -5.98 25.87
N SER A 180 -0.84 -5.70 24.93
CA SER A 180 -0.34 -6.64 23.92
C SER A 180 1.12 -6.90 24.23
N LEU A 181 1.45 -6.79 25.52
CA LEU A 181 2.77 -7.07 26.01
C LEU A 181 2.73 -8.16 27.08
N ARG A 182 1.55 -8.74 27.33
CA ARG A 182 1.36 -9.64 28.48
C ARG A 182 1.94 -11.02 28.23
N PHE A 183 1.91 -11.46 26.98
CA PHE A 183 2.16 -12.85 26.63
C PHE A 183 3.44 -12.97 25.83
N THR A 184 4.07 -14.15 25.94
CA THR A 184 5.24 -14.46 25.13
C THR A 184 4.79 -14.45 23.67
N HIS A 185 3.74 -15.20 23.39
CA HIS A 185 3.19 -15.27 22.05
C HIS A 185 1.71 -14.95 22.08
N LEU A 186 1.32 -13.95 21.28
CA LEU A 186 -0.07 -13.55 21.16
C LEU A 186 -0.50 -13.82 19.73
N PHE A 187 -1.46 -14.71 19.53
CA PHE A 187 -2.08 -14.89 18.21
C PHE A 187 -3.41 -14.16 18.21
N TRP A 188 -3.76 -13.58 17.08
CA TRP A 188 -4.96 -12.77 16.95
C TRP A 188 -5.58 -13.10 15.61
N PHE A 189 -6.76 -13.70 15.64
CA PHE A 189 -7.35 -14.24 14.44
C PHE A 189 -8.86 -14.05 14.47
N GLY A 190 -9.50 -14.39 13.35
CA GLY A 190 -10.94 -14.26 13.22
C GLY A 190 -11.36 -13.47 12.00
N ASP A 191 -12.64 -13.11 11.96
CA ASP A 191 -13.18 -12.31 10.89
C ASP A 191 -12.94 -10.86 11.23
N LEU A 192 -11.72 -10.40 10.92
CA LEU A 192 -11.38 -8.97 11.07
C LEU A 192 -12.16 -8.15 10.04
N ASN A 193 -12.66 -8.82 9.01
CA ASN A 193 -13.68 -8.24 8.15
C ASN A 193 -13.19 -7.03 7.34
N TYR A 194 -11.87 -6.94 7.13
CA TYR A 194 -11.27 -5.87 6.35
C TYR A 194 -11.35 -6.21 4.87
N ARG A 195 -11.59 -5.18 4.06
CA ARG A 195 -11.96 -5.35 2.66
C ARG A 195 -10.85 -4.90 1.73
N LEU A 196 -11.12 -4.92 0.44
CA LEU A 196 -10.20 -4.39 -0.57
C LEU A 196 -10.68 -3.04 -1.06
N ASP A 197 -9.78 -2.07 -1.08
CA ASP A 197 -10.06 -0.75 -1.64
C ASP A 197 -9.87 -0.83 -3.15
N MET A 198 -10.81 -1.49 -3.83
CA MET A 198 -10.78 -1.59 -5.29
C MET A 198 -12.15 -1.92 -5.87
N ASP A 199 -12.33 -1.60 -7.14
CA ASP A 199 -13.58 -1.93 -7.84
C ASP A 199 -13.65 -3.43 -8.19
N ILE A 200 -14.87 -3.98 -8.16
CA ILE A 200 -15.11 -5.40 -8.39
C ILE A 200 -14.43 -5.94 -9.66
N GLN A 201 -14.41 -5.14 -10.72
CA GLN A 201 -13.87 -5.56 -12.01
C GLN A 201 -12.45 -6.09 -11.88
N GLU A 202 -11.55 -5.23 -11.41
CA GLU A 202 -10.12 -5.55 -11.35
C GLU A 202 -9.97 -6.69 -10.39
N ILE A 203 -10.53 -6.52 -9.18
CA ILE A 203 -10.44 -7.56 -8.16
C ILE A 203 -10.61 -8.94 -8.81
N LEU A 204 -11.70 -9.10 -9.56
CA LEU A 204 -12.04 -10.36 -10.22
C LEU A 204 -11.07 -10.77 -11.32
N ASN A 205 -10.53 -9.80 -12.06
CA ASN A 205 -9.52 -10.11 -13.06
C ASN A 205 -8.29 -10.68 -12.36
N TYR A 206 -7.79 -9.96 -11.36
CA TYR A 206 -6.63 -10.39 -10.59
C TYR A 206 -6.86 -11.72 -9.86
N ILE A 207 -8.09 -12.00 -9.44
CA ILE A 207 -8.39 -13.31 -8.86
C ILE A 207 -8.33 -14.40 -9.91
N SER A 208 -8.84 -14.14 -11.11
CA SER A 208 -8.87 -15.17 -12.17
C SER A 208 -7.47 -15.45 -12.71
N ARG A 209 -6.59 -14.43 -12.66
CA ARG A 209 -5.18 -14.59 -13.07
C ARG A 209 -4.34 -15.16 -11.93
N LYS A 210 -4.96 -15.37 -10.77
CA LYS A 210 -4.25 -15.78 -9.56
C LYS A 210 -3.05 -14.86 -9.32
N GLU A 211 -3.28 -13.55 -9.41
CA GLU A 211 -2.25 -12.55 -9.13
C GLU A 211 -2.70 -11.68 -7.95
N PHE A 212 -2.53 -12.23 -6.75
CA PHE A 212 -3.07 -11.61 -5.55
C PHE A 212 -2.26 -10.41 -5.06
N GLU A 213 -1.00 -10.30 -5.48
CA GLU A 213 -0.10 -9.25 -4.98
C GLU A 213 -0.64 -7.81 -5.16
N PRO A 214 -1.05 -7.43 -6.38
CA PRO A 214 -1.63 -6.10 -6.57
C PRO A 214 -2.88 -5.83 -5.74
N LEU A 215 -3.59 -6.88 -5.36
CA LEU A 215 -4.77 -6.73 -4.52
C LEU A 215 -4.41 -6.55 -3.05
N LEU A 216 -3.30 -7.16 -2.64
CA LEU A 216 -2.84 -7.07 -1.25
C LEU A 216 -2.23 -5.70 -0.92
N ARG A 217 -1.71 -5.00 -1.93
CA ARG A 217 -1.18 -3.66 -1.70
C ARG A 217 -2.30 -2.73 -1.29
N VAL A 218 -3.52 -3.20 -1.54
CA VAL A 218 -4.72 -2.39 -1.44
C VAL A 218 -5.68 -2.91 -0.36
N ASP A 219 -5.39 -4.09 0.20
CA ASP A 219 -6.19 -4.64 1.29
C ASP A 219 -6.18 -3.70 2.47
N GLN A 220 -7.36 -3.38 3.00
CA GLN A 220 -7.47 -2.48 4.13
C GLN A 220 -6.59 -2.85 5.31
N LEU A 221 -6.60 -4.10 5.72
CA LEU A 221 -5.81 -4.46 6.88
C LEU A 221 -4.36 -4.08 6.70
N ASN A 222 -3.79 -4.43 5.54
CA ASN A 222 -2.40 -4.11 5.24
C ASN A 222 -2.17 -2.61 5.27
N LEU A 223 -3.14 -1.84 4.79
CA LEU A 223 -3.01 -0.39 4.71
C LEU A 223 -2.95 0.23 6.09
N GLU A 224 -3.70 -0.32 7.03
CA GLU A 224 -3.75 0.24 8.36
C GLU A 224 -2.52 -0.19 9.15
N ARG A 225 -2.07 -1.43 8.94
CA ARG A 225 -0.81 -1.88 9.51
C ARG A 225 0.33 -1.00 9.00
N GLU A 226 0.39 -0.80 7.69
CA GLU A 226 1.42 0.04 7.07
C GLU A 226 1.41 1.50 7.55
N LYS A 227 0.25 1.99 7.97
CA LYS A 227 0.13 3.32 8.58
C LYS A 227 0.32 3.26 10.10
N HIS A 228 0.82 2.14 10.62
CA HIS A 228 1.06 1.94 12.06
C HIS A 228 -0.13 2.43 12.90
N LYS A 229 -1.34 2.07 12.49
CA LYS A 229 -2.55 2.47 13.23
C LYS A 229 -3.13 1.33 14.06
N VAL A 230 -3.13 0.12 13.49
CA VAL A 230 -3.55 -1.08 14.21
C VAL A 230 -2.50 -2.18 14.11
N PHE A 231 -2.62 -3.17 15.00
CA PHE A 231 -1.76 -4.36 14.98
C PHE A 231 -0.28 -4.03 14.91
N LEU A 232 0.17 -3.12 15.77
CA LEU A 232 1.56 -2.66 15.73
C LEU A 232 2.50 -3.80 16.00
N ARG A 233 3.57 -3.87 15.20
CA ARG A 233 4.58 -4.91 15.28
C ARG A 233 4.02 -6.31 15.25
N PHE A 234 2.90 -6.50 14.58
CA PHE A 234 2.35 -7.82 14.38
C PHE A 234 2.91 -8.36 13.07
N SER A 235 3.03 -9.68 13.01
CA SER A 235 3.52 -10.37 11.84
C SER A 235 2.40 -11.22 11.27
N GLU A 236 2.47 -11.45 9.96
CA GLU A 236 1.50 -12.28 9.28
C GLU A 236 2.21 -12.95 8.12
N GLU A 237 1.94 -14.22 7.91
CA GLU A 237 2.57 -14.93 6.81
C GLU A 237 2.04 -14.34 5.49
N GLU A 238 2.88 -14.34 4.45
CA GLU A 238 2.48 -13.78 3.15
C GLU A 238 1.35 -14.59 2.55
N ILE A 239 0.25 -13.92 2.23
CA ILE A 239 -0.94 -14.54 1.67
C ILE A 239 -0.69 -14.95 0.22
N SER A 240 -0.98 -16.20 -0.11
CA SER A 240 -0.97 -16.65 -1.50
C SER A 240 -2.22 -17.49 -1.83
N PHE A 241 -3.33 -17.19 -1.16
CA PHE A 241 -4.63 -17.83 -1.43
C PHE A 241 -5.72 -16.78 -1.73
N PRO A 242 -6.75 -17.17 -2.49
CA PRO A 242 -7.78 -16.21 -2.84
C PRO A 242 -8.56 -15.67 -1.64
N PRO A 243 -9.17 -14.47 -1.77
CA PRO A 243 -10.04 -13.85 -0.77
C PRO A 243 -11.08 -14.81 -0.24
N THR A 244 -11.25 -14.84 1.07
CA THR A 244 -12.07 -15.88 1.71
C THR A 244 -13.55 -15.49 1.76
N TYR A 245 -13.87 -14.27 1.33
CA TYR A 245 -15.21 -13.71 1.43
C TYR A 245 -15.48 -13.04 0.08
N ARG A 246 -16.71 -13.00 -0.42
CA ARG A 246 -17.87 -13.73 0.08
C ARG A 246 -18.27 -14.74 -1.01
N TYR A 247 -18.19 -16.03 -0.69
CA TYR A 247 -18.54 -17.08 -1.64
C TYR A 247 -20.03 -17.34 -1.72
N GLU A 248 -20.42 -18.04 -2.77
CA GLU A 248 -21.76 -18.60 -2.85
C GLU A 248 -21.69 -19.94 -2.15
N ARG A 249 -22.74 -20.31 -1.43
CA ARG A 249 -22.70 -21.55 -0.67
C ARG A 249 -22.84 -22.74 -1.64
N GLY A 250 -22.15 -23.82 -1.33
CA GLY A 250 -22.26 -25.04 -2.12
C GLY A 250 -21.14 -25.25 -3.12
N SER A 251 -20.37 -24.20 -3.41
CA SER A 251 -19.15 -24.32 -4.22
C SER A 251 -18.22 -23.15 -3.91
N ARG A 252 -17.07 -23.12 -4.57
CA ARG A 252 -16.07 -22.05 -4.40
C ARG A 252 -15.65 -21.50 -5.75
N ASP A 253 -16.56 -21.53 -6.72
CA ASP A 253 -16.28 -21.03 -8.08
C ASP A 253 -16.73 -19.60 -8.24
N THR A 254 -17.43 -19.08 -7.26
CA THR A 254 -18.27 -17.93 -7.50
C THR A 254 -18.38 -17.04 -6.26
N TYR A 255 -17.81 -15.84 -6.37
CA TYR A 255 -17.98 -14.82 -5.35
C TYR A 255 -19.42 -14.25 -5.38
N ALA A 256 -19.99 -14.00 -4.21
CA ALA A 256 -21.38 -13.55 -4.11
C ALA A 256 -21.38 -12.06 -3.84
N TRP A 257 -20.96 -11.30 -4.85
CA TRP A 257 -20.51 -9.93 -4.64
C TRP A 257 -21.56 -8.85 -4.85
N HIS A 258 -22.74 -9.26 -5.30
CA HIS A 258 -23.83 -8.31 -5.55
C HIS A 258 -25.15 -9.04 -5.76
N LYS A 259 -25.64 -9.69 -4.71
CA LYS A 259 -26.95 -10.33 -4.74
C LYS A 259 -28.00 -9.27 -4.39
N GLN A 260 -29.14 -9.29 -5.08
CA GLN A 260 -30.29 -8.48 -4.67
C GLN A 260 -31.15 -9.36 -3.76
N LYS A 261 -31.92 -8.71 -2.89
CA LYS A 261 -32.67 -9.42 -1.86
C LYS A 261 -33.74 -8.52 -1.24
N PRO A 262 -34.81 -9.13 -0.70
CA PRO A 262 -35.82 -8.34 0.01
C PRO A 262 -35.24 -7.58 1.20
N THR A 263 -34.20 -8.13 1.80
CA THR A 263 -33.49 -7.46 2.90
C THR A 263 -32.52 -6.39 2.38
N GLY A 264 -32.60 -6.08 1.09
CA GLY A 264 -31.71 -5.12 0.45
C GLY A 264 -30.70 -5.78 -0.47
N VAL A 265 -30.09 -4.97 -1.31
CA VAL A 265 -28.99 -5.40 -2.18
C VAL A 265 -27.67 -5.05 -1.51
N ARG A 266 -26.72 -5.99 -1.52
CA ARG A 266 -25.47 -5.82 -0.77
C ARG A 266 -24.27 -5.98 -1.72
N THR A 267 -23.40 -4.97 -1.76
CA THR A 267 -22.35 -4.89 -2.80
C THR A 267 -20.95 -5.32 -2.35
N ASN A 268 -20.83 -6.53 -1.82
CA ASN A 268 -19.59 -6.96 -1.18
C ASN A 268 -18.49 -7.41 -2.14
N VAL A 269 -17.47 -6.56 -2.29
CA VAL A 269 -16.26 -6.96 -3.03
C VAL A 269 -15.52 -8.05 -2.26
N PRO A 270 -14.99 -9.05 -2.99
CA PRO A 270 -14.26 -10.13 -2.32
C PRO A 270 -13.08 -9.63 -1.51
N SER A 271 -12.87 -10.21 -0.34
CA SER A 271 -11.93 -9.67 0.60
C SER A 271 -11.24 -10.75 1.41
N TRP A 272 -10.14 -10.38 2.05
CA TRP A 272 -9.48 -11.29 2.98
C TRP A 272 -9.96 -10.98 4.38
N CYS A 273 -11.24 -11.20 4.61
CA CYS A 273 -11.85 -10.87 5.88
C CYS A 273 -11.27 -11.66 7.02
N ASP A 274 -10.76 -12.85 6.72
CA ASP A 274 -10.42 -13.84 7.74
C ASP A 274 -8.90 -13.96 7.83
N ARG A 275 -8.35 -13.82 9.03
CA ARG A 275 -6.92 -13.56 9.13
C ARG A 275 -6.30 -14.14 10.40
N ILE A 276 -5.00 -14.43 10.34
CA ILE A 276 -4.23 -14.88 11.51
C ILE A 276 -2.93 -14.07 11.67
N LEU A 277 -2.88 -13.22 12.70
CA LEU A 277 -1.70 -12.41 12.99
C LEU A 277 -1.16 -12.80 14.34
N TRP A 278 0.13 -12.60 14.53
CA TRP A 278 0.73 -12.85 15.82
C TRP A 278 1.76 -11.81 16.23
N LYS A 279 2.13 -11.83 17.51
CA LYS A 279 3.19 -10.96 18.02
C LYS A 279 3.87 -11.70 19.14
N SER A 280 5.17 -11.90 18.96
CA SER A 280 5.98 -12.61 19.93
C SER A 280 7.01 -11.64 20.55
N TYR A 281 7.88 -12.18 21.39
CA TYR A 281 8.97 -11.39 21.93
C TYR A 281 10.29 -11.86 21.36
N PRO A 282 11.30 -10.99 21.41
CA PRO A 282 12.57 -11.33 20.80
C PRO A 282 13.29 -12.41 21.59
N GLU A 283 14.12 -13.19 20.89
CA GLU A 283 14.87 -14.34 21.46
C GLU A 283 13.94 -15.54 21.77
N THR A 284 12.64 -15.31 21.64
CA THR A 284 11.66 -16.37 21.70
C THR A 284 11.15 -16.52 20.27
N HIS A 285 11.61 -17.56 19.58
CA HIS A 285 11.36 -17.71 18.15
C HIS A 285 10.15 -18.58 17.83
N ILE A 286 9.60 -18.34 16.63
CA ILE A 286 8.36 -18.94 16.18
C ILE A 286 8.29 -18.82 14.66
N ILE A 287 8.38 -19.95 13.96
CA ILE A 287 8.21 -20.00 12.50
C ILE A 287 6.78 -20.40 12.17
N CYS A 288 6.32 -20.01 10.99
CA CYS A 288 4.98 -20.35 10.53
C CYS A 288 5.10 -21.34 9.40
N ASN A 289 4.47 -22.52 9.55
CA ASN A 289 4.59 -23.61 8.58
C ASN A 289 3.50 -23.57 7.55
N SER A 290 2.29 -23.25 7.98
CA SER A 290 1.15 -23.21 7.07
C SER A 290 0.39 -21.93 7.28
N TYR A 291 -0.22 -21.43 6.21
CA TYR A 291 -1.18 -20.34 6.32
C TYR A 291 -1.98 -20.26 5.03
N GLY A 292 -3.16 -20.86 5.06
CA GLY A 292 -3.99 -20.96 3.87
C GLY A 292 -5.46 -21.04 4.21
N CYS A 293 -6.23 -21.60 3.29
CA CYS A 293 -7.65 -21.79 3.49
C CYS A 293 -8.09 -23.00 2.72
N THR A 294 -9.29 -23.49 3.04
CA THR A 294 -9.84 -24.67 2.35
C THR A 294 -10.38 -24.33 0.96
N ASP A 295 -10.70 -25.37 0.21
CA ASP A 295 -11.56 -25.23 -0.96
C ASP A 295 -12.67 -26.27 -1.02
N ASP A 296 -12.74 -27.19 -0.05
CA ASP A 296 -13.76 -28.23 -0.07
C ASP A 296 -14.95 -27.94 0.86
N ILE A 297 -14.72 -27.12 1.89
CA ILE A 297 -15.74 -26.79 2.90
C ILE A 297 -16.60 -25.59 2.47
N VAL A 298 -17.81 -25.89 2.00
CA VAL A 298 -18.62 -24.93 1.26
C VAL A 298 -20.03 -24.70 1.84
N THR A 299 -20.15 -24.79 3.18
CA THR A 299 -21.40 -24.53 3.86
C THR A 299 -21.58 -23.07 4.20
N SER A 300 -20.49 -22.33 4.18
CA SER A 300 -20.53 -20.91 4.50
C SER A 300 -20.01 -20.08 3.33
N ASP A 301 -20.43 -18.81 3.32
CA ASP A 301 -19.88 -17.84 2.37
C ASP A 301 -18.43 -17.42 2.70
N HIS A 302 -17.94 -17.74 3.90
CA HIS A 302 -16.50 -17.66 4.15
C HIS A 302 -15.90 -19.04 3.91
N SER A 303 -14.64 -19.06 3.51
CA SER A 303 -13.84 -20.29 3.49
C SER A 303 -13.03 -20.29 4.79
N PRO A 304 -12.97 -21.44 5.46
CA PRO A 304 -12.20 -21.51 6.69
C PRO A 304 -10.72 -21.29 6.42
N VAL A 305 -10.04 -20.64 7.37
CA VAL A 305 -8.61 -20.36 7.27
C VAL A 305 -7.86 -21.10 8.39
N PHE A 306 -6.65 -21.57 8.06
CA PHE A 306 -5.81 -22.28 9.01
C PHE A 306 -4.46 -21.61 9.08
N GLY A 307 -3.77 -21.86 10.18
CA GLY A 307 -2.40 -21.39 10.37
C GLY A 307 -1.72 -22.30 11.36
N THR A 308 -0.57 -22.86 10.98
CA THR A 308 0.20 -23.68 11.89
C THR A 308 1.58 -23.05 12.12
N PHE A 309 2.06 -23.17 13.37
CA PHE A 309 3.32 -22.57 13.81
C PHE A 309 4.13 -23.54 14.67
N GLU A 310 5.44 -23.37 14.68
CA GLU A 310 6.31 -24.08 15.61
C GLU A 310 6.71 -23.01 16.62
N VAL A 311 6.65 -23.35 17.91
CA VAL A 311 6.76 -22.34 18.96
C VAL A 311 7.70 -22.83 20.03
N GLY A 312 8.61 -21.95 20.46
CA GLY A 312 9.63 -22.30 21.45
C GLY A 312 9.06 -22.25 22.84
N VAL A 313 9.30 -23.30 23.62
CA VAL A 313 8.85 -23.36 25.01
C VAL A 313 10.02 -23.62 25.96
N THR A 314 9.97 -23.02 27.15
CA THR A 314 11.03 -23.21 28.15
C THR A 314 10.45 -23.62 29.51
N SER A 315 11.32 -24.00 30.45
CA SER A 315 10.92 -24.30 31.82
C SER A 315 10.74 -22.99 32.60
N ASP B 6 15.93 7.14 -34.48
CA ASP B 6 14.70 6.47 -33.95
C ASP B 6 14.51 6.71 -32.44
N MET B 7 15.50 7.30 -31.77
CA MET B 7 15.50 7.49 -30.31
C MET B 7 15.93 8.91 -29.91
N ILE B 8 15.36 9.43 -28.82
CA ILE B 8 15.84 10.70 -28.25
C ILE B 8 15.87 10.70 -26.71
N SER B 9 16.86 11.37 -26.14
CA SER B 9 16.92 11.54 -24.69
C SER B 9 16.13 12.77 -24.30
N VAL B 10 15.22 12.60 -23.34
CA VAL B 10 14.30 13.65 -22.90
C VAL B 10 14.49 13.88 -21.41
N PHE B 11 14.86 15.10 -21.03
CA PHE B 11 15.02 15.49 -19.62
C PHE B 11 13.76 16.23 -19.15
N ILE B 12 12.95 15.55 -18.35
CA ILE B 12 11.92 16.21 -17.57
C ILE B 12 12.60 16.63 -16.27
N GLY B 13 12.35 17.84 -15.82
CA GLY B 13 12.90 18.30 -14.55
C GLY B 13 11.88 19.18 -13.88
N THR B 14 11.73 19.03 -12.56
CA THR B 14 10.63 19.70 -11.86
C THR B 14 11.08 20.23 -10.51
N TRP B 15 10.79 21.50 -10.26
CA TRP B 15 11.28 22.16 -9.05
C TRP B 15 10.34 23.24 -8.56
N ASN B 16 9.90 23.15 -7.31
CA ASN B 16 9.25 24.28 -6.65
C ASN B 16 10.30 25.17 -6.04
N MET B 17 10.45 26.39 -6.55
CA MET B 17 11.59 27.23 -6.20
C MET B 17 11.43 28.01 -4.90
N GLY B 18 10.33 27.83 -4.18
CA GLY B 18 10.18 28.46 -2.87
C GLY B 18 10.12 30.00 -2.86
N SER B 19 9.63 30.59 -3.95
CA SER B 19 9.43 32.05 -4.04
C SER B 19 10.71 32.87 -3.88
N VAL B 20 11.83 32.31 -4.32
CA VAL B 20 13.08 33.05 -4.36
C VAL B 20 13.81 32.70 -5.65
N PRO B 21 14.71 33.59 -6.10
CA PRO B 21 15.55 33.29 -7.27
C PRO B 21 16.35 31.98 -7.14
N PRO B 22 16.69 31.33 -8.27
CA PRO B 22 17.56 30.17 -8.22
C PRO B 22 19.03 30.55 -8.11
N PRO B 23 19.88 29.64 -7.62
CA PRO B 23 21.30 29.99 -7.48
C PRO B 23 22.05 30.06 -8.82
N LYS B 24 23.34 30.39 -8.76
CA LYS B 24 24.19 30.43 -9.95
C LYS B 24 24.33 29.05 -10.60
N ASN B 25 24.80 28.07 -9.82
CA ASN B 25 25.05 26.73 -10.31
C ASN B 25 23.93 25.75 -9.98
N VAL B 26 23.24 25.27 -11.02
CA VAL B 26 22.23 24.21 -10.88
C VAL B 26 22.61 23.02 -11.75
N THR B 27 23.90 22.80 -11.91
CA THR B 27 24.40 21.78 -12.82
C THR B 27 23.89 20.40 -12.42
N SER B 28 23.89 20.15 -11.11
CA SER B 28 23.44 18.87 -10.58
C SER B 28 22.01 18.56 -11.03
N TRP B 29 21.14 19.56 -11.04
CA TRP B 29 19.77 19.37 -11.53
C TRP B 29 19.81 18.86 -12.95
N PHE B 30 20.57 19.56 -13.79
CA PHE B 30 20.58 19.33 -15.23
C PHE B 30 21.19 17.98 -15.61
N THR B 31 22.16 17.55 -14.82
CA THR B 31 22.96 16.37 -15.14
C THR B 31 22.55 15.14 -14.32
N SER B 32 21.37 15.21 -13.69
CA SER B 32 20.87 14.14 -12.81
C SER B 32 21.90 13.62 -11.79
N LYS B 33 22.57 14.55 -11.11
CA LYS B 33 23.43 14.21 -9.98
C LYS B 33 22.66 14.43 -8.69
N GLY B 34 22.99 13.65 -7.66
CA GLY B 34 22.34 13.74 -6.34
C GLY B 34 21.91 12.41 -5.77
N LEU B 35 20.64 12.31 -5.37
CA LEU B 35 20.10 11.11 -4.74
C LEU B 35 18.98 10.48 -5.58
N GLY B 36 18.86 9.16 -5.48
CA GLY B 36 17.83 8.39 -6.20
C GLY B 36 18.44 7.46 -7.23
N LYS B 37 17.71 7.26 -8.33
CA LYS B 37 18.27 6.64 -9.53
C LYS B 37 19.00 7.75 -10.32
N THR B 38 20.30 7.89 -10.10
CA THR B 38 21.04 9.00 -10.71
C THR B 38 21.77 8.59 -11.98
N LEU B 39 22.25 9.59 -12.68
CA LEU B 39 22.95 9.40 -13.93
C LEU B 39 24.43 9.20 -13.61
N ASP B 40 25.09 8.37 -14.39
CA ASP B 40 26.48 8.08 -14.21
C ASP B 40 27.33 9.08 -14.98
N GLU B 41 28.61 9.14 -14.66
CA GLU B 41 29.52 10.13 -15.24
C GLU B 41 29.97 9.82 -16.68
N VAL B 42 29.33 8.84 -17.30
CA VAL B 42 29.61 8.50 -18.70
C VAL B 42 28.43 8.87 -19.59
N THR B 43 27.21 8.67 -19.11
CA THR B 43 26.02 8.96 -19.90
C THR B 43 25.50 10.39 -19.67
N VAL B 44 25.84 11.00 -18.53
CA VAL B 44 25.61 12.45 -18.35
C VAL B 44 26.27 13.20 -19.48
N THR B 45 27.52 12.84 -19.80
CA THR B 45 28.35 13.68 -20.66
C THR B 45 27.76 13.85 -22.06
N ILE B 46 26.90 12.92 -22.46
CA ILE B 46 26.19 13.05 -23.73
C ILE B 46 24.92 13.86 -23.49
N PRO B 47 24.85 15.10 -24.03
CA PRO B 47 23.78 16.03 -23.65
C PRO B 47 22.42 15.64 -24.22
N HIS B 48 21.35 15.91 -23.48
CA HIS B 48 20.04 15.39 -23.86
C HIS B 48 19.50 16.06 -25.14
N ASP B 49 18.56 15.41 -25.84
CA ASP B 49 18.05 15.97 -27.09
C ASP B 49 17.03 17.08 -26.83
N ILE B 50 16.26 16.90 -25.75
CA ILE B 50 15.26 17.87 -25.32
C ILE B 50 15.38 18.04 -23.82
N TYR B 51 15.23 19.28 -23.35
CA TYR B 51 15.19 19.53 -21.92
C TYR B 51 13.87 20.21 -21.59
N VAL B 52 13.16 19.67 -20.60
CA VAL B 52 11.89 20.23 -20.18
C VAL B 52 11.96 20.62 -18.72
N PHE B 53 11.79 21.90 -18.43
CA PHE B 53 11.87 22.40 -17.07
C PHE B 53 10.53 22.98 -16.61
N GLY B 54 9.97 22.40 -15.57
CA GLY B 54 8.75 22.93 -14.96
C GLY B 54 9.06 23.41 -13.56
N THR B 55 8.60 24.60 -13.21
CA THR B 55 8.80 25.12 -11.87
C THR B 55 7.48 25.60 -11.29
N GLN B 56 7.43 25.93 -9.99
CA GLN B 56 6.14 26.20 -9.29
C GLN B 56 6.00 27.46 -8.39
N GLU B 57 7.08 27.93 -7.79
CA GLU B 57 7.01 29.23 -7.10
C GLU B 57 8.14 30.07 -7.64
N ASN B 58 8.15 30.19 -8.96
CA ASN B 58 9.21 30.84 -9.68
C ASN B 58 8.97 32.33 -9.70
N SER B 59 9.80 33.04 -8.94
CA SER B 59 9.69 34.48 -8.81
C SER B 59 10.41 35.22 -9.95
N VAL B 60 11.11 34.48 -10.81
CA VAL B 60 11.87 35.11 -11.88
C VAL B 60 10.93 35.35 -13.07
N GLY B 61 11.07 36.50 -13.72
CA GLY B 61 10.27 36.80 -14.90
C GLY B 61 10.52 35.77 -15.99
N ASP B 62 9.51 35.53 -16.82
CA ASP B 62 9.60 34.54 -17.90
C ASP B 62 10.86 34.70 -18.77
N ARG B 63 11.17 35.93 -19.14
CA ARG B 63 12.30 36.20 -20.03
C ARG B 63 13.64 35.93 -19.33
N GLU B 64 13.80 36.50 -18.15
CA GLU B 64 14.98 36.29 -17.29
C GLU B 64 15.27 34.83 -17.15
N TRP B 65 14.21 34.06 -16.96
CA TRP B 65 14.31 32.67 -16.59
C TRP B 65 14.80 31.77 -17.73
N LEU B 66 14.20 31.93 -18.91
CA LEU B 66 14.61 31.19 -20.08
C LEU B 66 16.07 31.51 -20.44
N ASP B 67 16.51 32.73 -20.12
CA ASP B 67 17.92 33.12 -20.27
C ASP B 67 18.84 32.24 -19.43
N LEU B 68 18.42 31.96 -18.21
CA LEU B 68 19.21 31.19 -17.26
C LEU B 68 19.23 29.73 -17.69
N LEU B 69 18.09 29.26 -18.20
CA LEU B 69 17.98 27.93 -18.79
C LEU B 69 18.83 27.84 -20.06
N ARG B 70 18.72 28.85 -20.94
CA ARG B 70 19.47 28.85 -22.19
C ARG B 70 20.95 29.01 -21.91
N GLY B 71 21.29 29.87 -20.94
CA GLY B 71 22.67 30.15 -20.61
C GLY B 71 23.31 29.01 -19.84
N GLY B 72 22.55 28.43 -18.90
CA GLY B 72 23.03 27.27 -18.16
C GLY B 72 23.33 26.08 -19.05
N LEU B 73 22.49 25.86 -20.07
CA LEU B 73 22.70 24.81 -21.06
C LEU B 73 23.96 25.05 -21.90
N LYS B 74 24.21 26.31 -22.24
CA LYS B 74 25.40 26.66 -23.01
C LYS B 74 26.66 26.26 -22.25
N GLU B 75 26.81 26.79 -21.04
CA GLU B 75 27.99 26.49 -20.21
C GLU B 75 28.20 24.99 -20.03
N LEU B 76 27.10 24.24 -19.93
CA LEU B 76 27.20 22.82 -19.65
C LEU B 76 27.46 21.96 -20.90
N THR B 77 26.91 22.38 -22.04
CA THR B 77 26.90 21.57 -23.26
C THR B 77 27.68 22.19 -24.41
N ASP B 78 27.88 23.51 -24.34
CA ASP B 78 28.51 24.32 -25.38
C ASP B 78 27.61 24.51 -26.61
N LEU B 79 26.34 24.11 -26.49
CA LEU B 79 25.38 24.26 -27.56
C LEU B 79 24.39 25.36 -27.21
N ASP B 80 24.00 26.13 -28.23
CA ASP B 80 22.86 27.02 -28.10
C ASP B 80 21.59 26.16 -28.28
N TYR B 81 21.01 25.72 -27.18
CA TYR B 81 19.72 25.03 -27.23
C TYR B 81 18.63 26.04 -27.58
N ARG B 82 17.74 25.67 -28.51
CA ARG B 82 16.68 26.61 -28.90
C ARG B 82 15.37 26.26 -28.21
N PRO B 83 14.76 27.25 -27.51
CA PRO B 83 13.44 27.01 -26.92
C PRO B 83 12.35 26.83 -27.98
N ILE B 84 11.47 25.85 -27.76
CA ILE B 84 10.39 25.54 -28.67
C ILE B 84 9.04 26.07 -28.18
N ALA B 85 8.85 26.10 -26.85
CA ALA B 85 7.60 26.58 -26.25
C ALA B 85 7.83 26.98 -24.81
N MET B 86 7.12 28.02 -24.37
CA MET B 86 7.11 28.39 -22.95
C MET B 86 5.72 28.87 -22.54
N GLN B 87 5.29 28.47 -21.36
CA GLN B 87 4.00 28.86 -20.80
C GLN B 87 4.17 29.11 -19.31
N SER B 88 3.56 30.19 -18.81
CA SER B 88 3.56 30.44 -17.38
C SER B 88 2.20 30.91 -16.91
N LEU B 89 1.93 30.67 -15.64
CA LEU B 89 0.66 30.99 -15.03
C LEU B 89 1.00 31.48 -13.63
N TRP B 90 1.12 32.79 -13.48
CA TRP B 90 1.68 33.39 -12.27
C TRP B 90 3.12 32.86 -12.05
N ASN B 91 3.33 32.01 -11.05
CA ASN B 91 4.65 31.50 -10.71
C ASN B 91 4.88 30.06 -11.16
N ILE B 92 3.87 29.44 -11.77
CA ILE B 92 4.03 28.14 -12.40
C ILE B 92 4.49 28.38 -13.84
N LYS B 93 5.62 27.78 -14.24
CA LYS B 93 6.21 28.04 -15.57
C LYS B 93 6.91 26.80 -16.15
N VAL B 94 6.61 26.48 -17.41
CA VAL B 94 7.24 25.37 -18.11
C VAL B 94 7.95 25.84 -19.38
N ALA B 95 9.13 25.28 -19.65
CA ALA B 95 9.88 25.63 -20.84
C ALA B 95 10.49 24.38 -21.45
N VAL B 96 10.29 24.19 -22.75
CA VAL B 96 10.91 23.10 -23.47
C VAL B 96 12.02 23.70 -24.30
N LEU B 97 13.23 23.16 -24.14
CA LEU B 97 14.36 23.52 -25.02
C LEU B 97 14.86 22.29 -25.77
N VAL B 98 15.33 22.52 -26.99
CA VAL B 98 15.70 21.47 -27.95
C VAL B 98 17.06 21.79 -28.56
N LYS B 99 17.87 20.75 -28.76
CA LYS B 99 19.19 20.88 -29.44
C LYS B 99 19.07 21.57 -30.79
N PRO B 100 20.05 22.43 -31.15
CA PRO B 100 20.02 23.11 -32.44
C PRO B 100 19.59 22.27 -33.64
N GLU B 101 20.11 21.05 -33.72
CA GLU B 101 19.89 20.19 -34.89
C GLU B 101 18.46 19.68 -35.03
N HIS B 102 17.70 19.65 -33.93
CA HIS B 102 16.32 19.15 -33.95
C HIS B 102 15.28 20.25 -34.26
N GLU B 103 15.76 21.47 -34.51
CA GLU B 103 14.91 22.61 -34.87
C GLU B 103 13.83 22.27 -35.91
N ASN B 104 14.23 21.69 -37.04
CA ASN B 104 13.31 21.41 -38.15
C ASN B 104 12.47 20.15 -37.98
N ARG B 105 12.65 19.45 -36.88
CA ARG B 105 11.88 18.25 -36.61
C ARG B 105 10.66 18.55 -35.71
N ILE B 106 10.62 19.75 -35.15
CA ILE B 106 9.55 20.19 -34.25
C ILE B 106 8.41 20.80 -35.07
N SER B 107 7.20 20.25 -34.88
CA SER B 107 6.01 20.70 -35.60
C SER B 107 4.80 20.75 -34.66
N HIS B 108 3.71 21.37 -35.16
CA HIS B 108 2.43 21.45 -34.44
C HIS B 108 2.60 21.77 -32.95
N VAL B 109 3.31 22.86 -32.65
CA VAL B 109 3.57 23.25 -31.26
C VAL B 109 2.37 23.98 -30.69
N SER B 110 2.05 23.71 -29.43
CA SER B 110 0.96 24.40 -28.72
C SER B 110 1.32 24.57 -27.25
N THR B 111 0.71 25.58 -26.63
CA THR B 111 0.83 25.79 -25.19
C THR B 111 -0.53 26.14 -24.61
N SER B 112 -0.78 25.69 -23.38
CA SER B 112 -2.04 25.94 -22.71
C SER B 112 -1.88 26.09 -21.19
N SER B 113 -2.93 26.57 -20.53
CA SER B 113 -2.89 26.84 -19.10
C SER B 113 -4.28 26.70 -18.48
N VAL B 114 -4.32 26.34 -17.19
CA VAL B 114 -5.58 26.15 -16.47
C VAL B 114 -5.48 26.54 -14.99
N LYS B 115 -6.28 27.53 -14.55
CA LYS B 115 -6.37 27.92 -13.14
C LYS B 115 -7.37 27.02 -12.39
N THR B 116 -6.93 26.44 -11.27
CA THR B 116 -7.85 25.64 -10.43
C THR B 116 -8.71 26.54 -9.55
N LYS B 125 -3.01 28.34 -8.21
CA LYS B 125 -2.59 26.95 -8.38
C LYS B 125 -3.28 26.28 -9.57
N GLY B 126 -2.50 25.62 -10.41
CA GLY B 126 -3.03 25.00 -11.61
C GLY B 126 -1.96 24.30 -12.40
N ALA B 127 -2.23 24.10 -13.70
CA ALA B 127 -1.32 23.42 -14.60
C ALA B 127 -0.92 24.32 -15.76
N VAL B 128 0.34 24.21 -16.13
CA VAL B 128 0.89 24.83 -17.31
C VAL B 128 1.30 23.67 -18.19
N GLY B 129 1.06 23.76 -19.49
CA GLY B 129 1.36 22.65 -20.41
C GLY B 129 1.79 23.07 -21.79
N VAL B 130 2.62 22.24 -22.41
CA VAL B 130 3.03 22.43 -23.80
C VAL B 130 2.92 21.09 -24.46
N SER B 131 2.90 21.09 -25.79
CA SER B 131 2.90 19.86 -26.56
C SER B 131 3.51 20.18 -27.91
N PHE B 132 3.89 19.12 -28.63
CA PHE B 132 4.36 19.25 -30.00
C PHE B 132 4.59 17.89 -30.59
N MET B 133 4.90 17.86 -31.88
CA MET B 133 5.30 16.63 -32.55
C MET B 133 6.80 16.69 -32.84
N PHE B 134 7.44 15.53 -32.82
CA PHE B 134 8.85 15.38 -33.21
C PHE B 134 8.87 14.33 -34.33
N ASN B 135 8.99 14.80 -35.56
CA ASN B 135 8.75 13.94 -36.73
C ASN B 135 7.30 13.39 -36.64
N GLY B 136 7.13 12.08 -36.55
CA GLY B 136 5.78 11.49 -36.46
C GLY B 136 5.20 11.53 -35.07
N THR B 137 5.97 11.03 -34.10
CA THR B 137 5.55 10.91 -32.71
C THR B 137 5.08 12.23 -32.10
N SER B 138 4.20 12.15 -31.10
CA SER B 138 3.64 13.36 -30.42
C SER B 138 3.88 13.37 -28.91
N PHE B 139 4.33 14.52 -28.40
CA PHE B 139 4.72 14.68 -27.01
C PHE B 139 3.81 15.65 -26.25
N GLY B 140 3.61 15.38 -24.95
CA GLY B 140 2.84 16.26 -24.06
C GLY B 140 3.45 16.38 -22.66
N PHE B 141 3.71 17.61 -22.23
CA PHE B 141 4.35 17.87 -20.94
C PHE B 141 3.46 18.79 -20.14
N VAL B 142 3.17 18.41 -18.91
CA VAL B 142 2.25 19.18 -18.08
C VAL B 142 2.91 19.44 -16.75
N ASN B 143 3.22 20.70 -16.51
CA ASN B 143 3.76 21.11 -15.25
C ASN B 143 2.62 21.66 -14.41
N CYS B 144 2.52 21.22 -13.16
CA CYS B 144 1.41 21.65 -12.32
C CYS B 144 1.77 21.89 -10.85
N HIS B 145 0.86 22.58 -10.16
CA HIS B 145 0.99 22.85 -8.73
C HIS B 145 -0.39 22.66 -8.10
N LEU B 146 -0.62 21.53 -7.43
CA LEU B 146 -1.92 21.21 -6.82
C LEU B 146 -2.03 21.74 -5.39
N THR B 147 -3.20 21.52 -4.79
CA THR B 147 -3.52 22.09 -3.49
C THR B 147 -2.71 21.40 -2.39
N SER B 148 -2.19 22.21 -1.49
CA SER B 148 -1.35 21.73 -0.39
C SER B 148 -2.20 21.19 0.75
N GLY B 149 -1.57 20.86 1.88
CA GLY B 149 -2.27 20.51 3.12
C GLY B 149 -2.54 19.03 3.28
N ASN B 150 -2.05 18.47 4.39
CA ASN B 150 -2.12 17.02 4.65
C ASN B 150 -3.47 16.35 4.35
N GLU B 151 -4.56 16.98 4.80
CA GLU B 151 -5.89 16.40 4.69
C GLU B 151 -6.68 16.90 3.47
N LYS B 152 -6.04 16.93 2.30
CA LYS B 152 -6.67 17.50 1.09
C LYS B 152 -6.40 16.66 -0.17
N THR B 153 -6.39 15.35 0.01
CA THR B 153 -6.26 14.41 -1.10
C THR B 153 -7.51 14.40 -1.98
N ALA B 154 -8.63 14.79 -1.39
CA ALA B 154 -9.87 15.00 -2.14
C ALA B 154 -9.70 16.06 -3.24
N ARG B 155 -9.03 17.18 -2.90
CA ARG B 155 -8.94 18.32 -3.82
C ARG B 155 -7.99 18.05 -4.97
N ARG B 156 -6.80 17.53 -4.65
CA ARG B 156 -5.79 17.23 -5.66
C ARG B 156 -6.35 16.28 -6.71
N ASN B 157 -7.02 15.22 -6.25
CA ASN B 157 -7.82 14.38 -7.14
C ASN B 157 -8.69 15.22 -8.08
N GLN B 158 -9.52 16.11 -7.51
CA GLN B 158 -10.34 17.00 -8.33
C GLN B 158 -9.48 17.89 -9.22
N ASN B 159 -8.40 18.43 -8.67
CA ASN B 159 -7.50 19.29 -9.45
C ASN B 159 -6.97 18.54 -10.65
N TYR B 160 -6.70 17.26 -10.47
CA TYR B 160 -6.21 16.43 -11.55
C TYR B 160 -7.31 16.22 -12.59
N LEU B 161 -8.49 15.86 -12.14
CA LEU B 161 -9.61 15.70 -13.08
C LEU B 161 -9.83 16.96 -13.92
N ASP B 162 -9.77 18.12 -13.29
CA ASP B 162 -10.10 19.38 -13.96
C ASP B 162 -9.03 19.75 -14.99
N ILE B 163 -7.76 19.58 -14.61
CA ILE B 163 -6.64 19.82 -15.54
C ILE B 163 -6.77 18.85 -16.71
N LEU B 164 -6.82 17.56 -16.40
CA LEU B 164 -6.96 16.53 -17.43
C LEU B 164 -8.08 16.82 -18.43
N ARG B 165 -9.15 17.50 -18.01
CA ARG B 165 -10.31 17.77 -18.89
C ARG B 165 -10.28 19.14 -19.57
N LEU B 166 -9.96 20.17 -18.80
CA LEU B 166 -10.10 21.56 -19.26
C LEU B 166 -8.86 22.10 -19.99
N LEU B 167 -7.80 21.31 -20.09
CA LEU B 167 -6.54 21.76 -20.64
C LEU B 167 -6.57 21.64 -22.17
N SER B 168 -6.56 22.77 -22.86
CA SER B 168 -6.69 22.80 -24.33
C SER B 168 -5.33 22.70 -25.00
N LEU B 169 -4.74 21.52 -24.95
CA LEU B 169 -3.41 21.27 -25.51
C LEU B 169 -3.51 20.44 -26.80
N GLY B 170 -3.61 21.12 -27.93
CA GLY B 170 -3.76 20.45 -29.23
C GLY B 170 -4.46 21.31 -30.27
N ASP B 171 -5.30 20.70 -31.10
CA ASP B 171 -6.07 21.43 -32.14
C ASP B 171 -7.59 21.34 -31.85
N ARG B 172 -8.36 20.68 -32.71
CA ARG B 172 -9.80 20.49 -32.46
C ARG B 172 -10.01 19.09 -31.88
N GLN B 173 -9.47 18.89 -30.67
CA GLN B 173 -9.58 17.60 -29.99
C GLN B 173 -9.68 17.80 -28.48
N LEU B 174 -10.64 18.63 -28.09
CA LEU B 174 -11.09 18.73 -26.70
C LEU B 174 -12.34 17.85 -26.49
N ASN B 175 -12.97 17.43 -27.59
CA ASN B 175 -14.21 16.67 -27.52
C ASN B 175 -13.97 15.23 -27.12
N ASP B 178 -9.94 14.49 -23.30
CA ASP B 178 -8.92 14.43 -22.27
C ASP B 178 -7.52 14.40 -22.88
N ILE B 179 -6.53 14.92 -22.15
CA ILE B 179 -5.13 14.92 -22.60
C ILE B 179 -4.40 13.58 -22.41
N SER B 180 -4.94 12.71 -21.58
CA SER B 180 -4.44 11.35 -21.41
C SER B 180 -4.45 10.51 -22.71
N LEU B 181 -5.30 10.92 -23.66
CA LEU B 181 -5.43 10.21 -24.93
C LEU B 181 -4.86 11.00 -26.13
N ARG B 182 -4.24 12.17 -25.88
CA ARG B 182 -3.90 13.09 -26.97
C ARG B 182 -2.49 12.90 -27.55
N PHE B 183 -1.59 12.30 -26.78
CA PHE B 183 -0.19 12.21 -27.18
C PHE B 183 0.37 10.81 -27.10
N THR B 184 1.25 10.48 -28.04
CA THR B 184 1.98 9.22 -28.01
C THR B 184 2.60 9.05 -26.63
N HIS B 185 3.29 10.10 -26.18
CA HIS B 185 3.87 10.13 -24.84
C HIS B 185 3.43 11.40 -24.16
N LEU B 186 3.05 11.28 -22.89
CA LEU B 186 2.55 12.41 -22.10
C LEU B 186 3.24 12.41 -20.74
N PHE B 187 4.19 13.31 -20.55
CA PHE B 187 4.86 13.45 -19.26
C PHE B 187 4.06 14.43 -18.41
N TRP B 188 3.99 14.17 -17.11
CA TRP B 188 3.17 14.97 -16.22
C TRP B 188 3.93 15.07 -14.94
N PHE B 189 4.28 16.29 -14.56
CA PHE B 189 5.19 16.49 -13.45
C PHE B 189 4.76 17.72 -12.69
N GLY B 190 5.50 18.02 -11.62
CA GLY B 190 5.26 19.22 -10.84
C GLY B 190 5.06 18.91 -9.39
N ASP B 191 4.68 19.94 -8.64
CA ASP B 191 4.39 19.83 -7.23
C ASP B 191 2.96 19.31 -7.13
N LEU B 192 2.83 17.98 -7.18
CA LEU B 192 1.53 17.33 -7.00
C LEU B 192 1.03 17.45 -5.54
N ASN B 193 1.89 17.93 -4.65
CA ASN B 193 1.55 18.13 -3.23
C ASN B 193 0.81 16.98 -2.53
N TYR B 194 1.20 15.75 -2.85
CA TYR B 194 0.68 14.56 -2.14
C TYR B 194 1.59 14.21 -0.96
N ARG B 195 0.99 14.00 0.21
CA ARG B 195 1.74 13.87 1.44
C ARG B 195 1.79 12.43 1.90
N LEU B 196 2.37 12.18 3.07
CA LEU B 196 2.37 10.86 3.70
C LEU B 196 1.28 10.76 4.78
N ASP B 197 0.68 9.58 4.90
CA ASP B 197 -0.27 9.29 5.97
C ASP B 197 0.44 8.62 7.14
N MET B 198 1.30 9.35 7.81
CA MET B 198 2.05 8.81 8.93
C MET B 198 2.44 9.96 9.85
N ASP B 199 2.54 9.70 11.15
CA ASP B 199 2.99 10.69 12.13
C ASP B 199 4.50 10.94 11.96
N ILE B 200 4.91 12.16 12.28
CA ILE B 200 6.30 12.60 12.18
C ILE B 200 7.29 11.64 12.86
N GLN B 201 6.85 10.96 13.92
CA GLN B 201 7.71 9.98 14.59
C GLN B 201 8.31 9.00 13.63
N GLU B 202 7.44 8.25 12.95
CA GLU B 202 7.87 7.12 12.14
C GLU B 202 8.59 7.64 10.92
N ILE B 203 8.07 8.72 10.35
CA ILE B 203 8.64 9.30 9.14
C ILE B 203 10.09 9.63 9.40
N LEU B 204 10.33 10.48 10.40
CA LEU B 204 11.70 10.88 10.69
C LEU B 204 12.58 9.70 11.07
N ASN B 205 12.05 8.77 11.87
CA ASN B 205 12.79 7.54 12.21
C ASN B 205 13.21 6.80 10.93
N TYR B 206 12.25 6.45 10.08
CA TYR B 206 12.53 5.71 8.85
C TYR B 206 13.51 6.46 7.93
N ILE B 207 13.41 7.80 7.91
CA ILE B 207 14.40 8.62 7.21
C ILE B 207 15.82 8.37 7.75
N SER B 208 15.98 8.48 9.06
CA SER B 208 17.30 8.32 9.67
C SER B 208 17.98 6.98 9.36
N ARG B 209 17.18 5.93 9.19
CA ARG B 209 17.67 4.61 8.79
C ARG B 209 17.77 4.48 7.27
N LYS B 210 17.43 5.53 6.54
CA LYS B 210 17.30 5.46 5.07
C LYS B 210 16.43 4.28 4.63
N GLU B 211 15.27 4.12 5.26
CA GLU B 211 14.32 3.09 4.88
C GLU B 211 13.09 3.73 4.25
N PHE B 212 13.10 3.90 2.94
CA PHE B 212 12.00 4.59 2.26
C PHE B 212 10.79 3.71 1.88
N GLU B 213 10.96 2.39 1.79
CA GLU B 213 9.84 1.53 1.37
C GLU B 213 8.59 1.66 2.27
N PRO B 214 8.77 1.55 3.61
CA PRO B 214 7.60 1.71 4.48
C PRO B 214 6.91 3.06 4.39
N LEU B 215 7.64 4.10 4.01
CA LEU B 215 7.07 5.45 3.81
C LEU B 215 6.33 5.53 2.46
N LEU B 216 6.95 4.97 1.43
CA LEU B 216 6.35 4.87 0.10
C LEU B 216 5.04 4.07 0.06
N ARG B 217 4.81 3.16 1.02
CA ARG B 217 3.55 2.42 1.03
C ARG B 217 2.35 3.27 1.44
N VAL B 218 2.66 4.43 1.99
CA VAL B 218 1.68 5.28 2.63
C VAL B 218 1.67 6.68 2.02
N ASP B 219 2.46 6.89 0.97
CA ASP B 219 2.41 8.13 0.19
C ASP B 219 1.06 8.22 -0.51
N GLN B 220 0.42 9.38 -0.40
CA GLN B 220 -0.93 9.60 -0.91
C GLN B 220 -1.07 9.42 -2.42
N LEU B 221 -0.01 9.65 -3.18
CA LEU B 221 -0.10 9.48 -4.64
C LEU B 221 -0.16 8.00 -5.00
N ASN B 222 0.78 7.22 -4.49
CA ASN B 222 0.81 5.78 -4.72
C ASN B 222 -0.47 5.11 -4.21
N LEU B 223 -1.00 5.60 -3.09
CA LEU B 223 -2.25 5.09 -2.54
C LEU B 223 -3.42 5.29 -3.49
N GLU B 224 -3.54 6.49 -4.05
CA GLU B 224 -4.64 6.78 -4.96
C GLU B 224 -4.43 6.12 -6.32
N ARG B 225 -3.19 6.08 -6.79
CA ARG B 225 -2.87 5.35 -8.02
C ARG B 225 -3.17 3.86 -7.90
N GLU B 226 -2.81 3.27 -6.76
CA GLU B 226 -3.04 1.84 -6.50
C GLU B 226 -4.52 1.47 -6.35
N LYS B 227 -5.32 2.42 -5.88
CA LYS B 227 -6.77 2.24 -5.76
C LYS B 227 -7.50 2.56 -7.08
N HIS B 228 -6.75 2.92 -8.12
CA HIS B 228 -7.31 3.36 -9.40
C HIS B 228 -8.27 4.56 -9.27
N LYS B 229 -7.88 5.55 -8.46
CA LYS B 229 -8.68 6.77 -8.32
C LYS B 229 -8.15 7.93 -9.17
N VAL B 230 -6.84 7.99 -9.37
CA VAL B 230 -6.23 9.03 -10.22
C VAL B 230 -5.02 8.51 -10.99
N PHE B 231 -4.54 9.29 -11.95
CA PHE B 231 -3.41 8.93 -12.81
C PHE B 231 -3.52 7.47 -13.29
N LEU B 232 -4.62 7.17 -13.98
CA LEU B 232 -4.90 5.81 -14.45
C LEU B 232 -3.94 5.43 -15.57
N ARG B 233 -3.38 4.22 -15.47
CA ARG B 233 -2.38 3.73 -16.43
C ARG B 233 -1.18 4.68 -16.65
N PHE B 234 -0.87 5.48 -15.63
CA PHE B 234 0.38 6.23 -15.60
C PHE B 234 1.46 5.42 -14.92
N SER B 235 2.70 5.69 -15.31
CA SER B 235 3.85 4.99 -14.77
C SER B 235 4.73 5.96 -14.02
N GLU B 236 5.48 5.43 -13.06
CA GLU B 236 6.46 6.24 -12.34
C GLU B 236 7.60 5.37 -11.87
N GLU B 237 8.82 5.78 -12.20
CA GLU B 237 9.99 5.03 -11.81
C GLU B 237 10.02 4.94 -10.27
N GLU B 238 10.58 3.86 -9.74
CA GLU B 238 10.66 3.69 -8.29
C GLU B 238 11.51 4.78 -7.63
N ILE B 239 10.96 5.34 -6.55
CA ILE B 239 11.64 6.35 -5.73
C ILE B 239 12.61 5.73 -4.72
N SER B 240 13.91 5.99 -4.91
CA SER B 240 14.93 5.65 -3.89
C SER B 240 15.65 6.92 -3.43
N PHE B 241 14.92 8.03 -3.36
CA PHE B 241 15.44 9.28 -2.83
C PHE B 241 14.55 9.77 -1.68
N PRO B 242 15.14 10.51 -0.72
CA PRO B 242 14.36 11.03 0.41
C PRO B 242 13.26 11.98 -0.02
N PRO B 243 12.28 12.24 0.88
CA PRO B 243 11.29 13.24 0.60
C PRO B 243 11.87 14.59 0.20
N THR B 244 11.21 15.23 -0.76
CA THR B 244 11.69 16.47 -1.34
C THR B 244 11.11 17.69 -0.64
N TYR B 245 10.25 17.48 0.36
CA TYR B 245 9.60 18.57 1.06
C TYR B 245 9.49 18.14 2.53
N ARG B 246 9.60 19.06 3.51
CA ARG B 246 9.93 20.47 3.33
C ARG B 246 11.24 20.76 4.06
N TYR B 247 12.28 21.16 3.31
CA TYR B 247 13.59 21.35 3.89
C TYR B 247 13.74 22.76 4.43
N GLU B 248 14.60 22.91 5.42
CA GLU B 248 15.05 24.22 5.86
C GLU B 248 16.05 24.70 4.83
N ARG B 249 15.91 25.95 4.40
CA ARG B 249 16.82 26.52 3.42
C ARG B 249 18.25 26.63 3.96
N GLY B 250 19.22 26.41 3.09
CA GLY B 250 20.64 26.60 3.43
C GLY B 250 21.45 25.33 3.45
N SER B 251 20.81 24.22 3.76
CA SER B 251 21.42 22.90 3.66
C SER B 251 20.34 21.90 3.19
N ARG B 252 20.57 20.61 3.37
CA ARG B 252 19.52 19.58 3.21
C ARG B 252 19.56 18.60 4.38
N ASP B 253 20.01 19.07 5.54
CA ASP B 253 20.11 18.22 6.71
C ASP B 253 18.78 18.18 7.47
N THR B 254 18.06 19.29 7.45
CA THR B 254 16.88 19.48 8.31
C THR B 254 15.59 19.66 7.52
N TYR B 255 14.55 18.96 7.96
CA TYR B 255 13.21 19.13 7.41
C TYR B 255 12.44 20.06 8.31
N ALA B 256 12.11 21.24 7.80
CA ALA B 256 11.17 22.14 8.48
C ALA B 256 9.83 21.43 8.54
N TRP B 257 9.51 20.87 9.70
CA TRP B 257 8.25 20.15 9.88
C TRP B 257 7.35 20.80 10.94
N HIS B 258 7.87 21.76 11.72
CA HIS B 258 7.07 22.46 12.74
CA HIS B 258 7.08 22.44 12.74
C HIS B 258 7.78 23.73 13.22
N LYS B 259 7.13 24.88 13.03
CA LYS B 259 7.66 26.18 13.50
C LYS B 259 6.53 27.04 14.06
N THR B 267 2.41 22.20 10.68
CA THR B 267 2.78 20.80 10.87
C THR B 267 2.89 20.04 9.55
N ASN B 268 3.86 20.44 8.72
CA ASN B 268 4.12 19.77 7.45
C ASN B 268 5.04 18.55 7.59
N VAL B 269 4.48 17.35 7.50
CA VAL B 269 5.30 16.14 7.51
C VAL B 269 6.04 16.05 6.19
N PRO B 270 7.33 15.64 6.21
CA PRO B 270 8.06 15.56 4.97
C PRO B 270 7.32 14.68 3.96
N SER B 271 7.44 15.01 2.68
CA SER B 271 6.70 14.28 1.68
C SER B 271 7.35 14.37 0.31
N TRP B 272 6.97 13.44 -0.55
CA TRP B 272 7.34 13.47 -1.95
C TRP B 272 6.28 14.27 -2.69
N CYS B 273 6.35 15.58 -2.53
CA CYS B 273 5.45 16.52 -3.21
C CYS B 273 5.75 16.67 -4.71
N ASP B 274 7.00 16.45 -5.10
CA ASP B 274 7.45 16.73 -6.46
C ASP B 274 7.73 15.43 -7.20
N ARG B 275 6.91 15.15 -8.20
CA ARG B 275 6.91 13.85 -8.87
C ARG B 275 6.99 14.01 -10.36
N ILE B 276 7.41 12.95 -11.04
CA ILE B 276 7.30 12.85 -12.49
C ILE B 276 6.59 11.55 -12.82
N LEU B 277 5.46 11.64 -13.52
CA LEU B 277 4.73 10.46 -13.99
C LEU B 277 4.61 10.55 -15.51
N TRP B 278 4.32 9.44 -16.17
CA TRP B 278 4.16 9.45 -17.62
C TRP B 278 3.23 8.33 -18.10
N LYS B 279 2.55 8.57 -19.21
CA LYS B 279 1.63 7.61 -19.81
C LYS B 279 1.90 7.53 -21.29
N SER B 280 2.65 6.51 -21.70
CA SER B 280 3.01 6.35 -23.09
C SER B 280 1.93 5.53 -23.75
N TYR B 281 2.16 5.08 -24.97
CA TYR B 281 1.23 4.16 -25.61
C TYR B 281 1.92 2.89 -26.10
N PRO B 282 1.12 1.83 -26.32
CA PRO B 282 1.63 0.51 -26.73
C PRO B 282 2.57 0.50 -27.93
N GLU B 283 3.72 -0.17 -27.75
CA GLU B 283 4.66 -0.56 -28.83
C GLU B 283 5.69 0.47 -29.32
N THR B 284 5.66 1.68 -28.76
CA THR B 284 6.68 2.69 -29.08
C THR B 284 7.81 2.64 -28.05
N HIS B 285 7.42 2.48 -26.79
CA HIS B 285 8.33 2.24 -25.69
C HIS B 285 9.32 3.38 -25.35
N ILE B 286 9.82 3.29 -24.13
CA ILE B 286 10.39 4.41 -23.42
C ILE B 286 11.05 3.86 -22.15
N ILE B 287 12.36 4.06 -22.02
CA ILE B 287 13.11 3.62 -20.86
C ILE B 287 13.43 4.83 -20.00
N CYS B 288 13.47 4.63 -18.68
CA CYS B 288 13.76 5.70 -17.71
C CYS B 288 15.16 5.57 -17.10
N ASN B 289 16.09 6.41 -17.56
CA ASN B 289 17.49 6.34 -17.14
C ASN B 289 17.73 6.87 -15.75
N SER B 290 17.05 7.95 -15.40
CA SER B 290 17.19 8.51 -14.08
C SER B 290 15.88 9.07 -13.56
N TYR B 291 15.81 9.11 -12.23
CA TYR B 291 14.71 9.69 -11.52
C TYR B 291 15.18 9.94 -10.12
N GLY B 292 15.27 11.22 -9.76
CA GLY B 292 15.88 11.56 -8.48
C GLY B 292 15.80 13.04 -8.20
N CYS B 293 16.58 13.48 -7.21
CA CYS B 293 16.59 14.87 -6.80
C CYS B 293 18.01 15.33 -6.48
N THR B 294 18.22 16.63 -6.32
CA THR B 294 19.55 17.14 -6.00
C THR B 294 19.74 17.15 -4.48
N ASP B 295 20.96 17.43 -4.05
CA ASP B 295 21.24 17.71 -2.62
C ASP B 295 22.18 18.89 -2.40
N ASP B 296 22.62 19.54 -3.48
CA ASP B 296 23.48 20.70 -3.40
C ASP B 296 22.79 22.00 -3.81
N ILE B 297 21.53 21.92 -4.22
CA ILE B 297 20.70 23.09 -4.52
C ILE B 297 19.74 23.33 -3.34
N VAL B 298 20.05 24.32 -2.52
CA VAL B 298 19.43 24.49 -1.21
C VAL B 298 18.78 25.88 -1.02
N THR B 299 18.24 26.45 -2.10
CA THR B 299 17.65 27.80 -2.06
C THR B 299 16.15 27.78 -1.76
N SER B 300 15.56 26.60 -1.83
CA SER B 300 14.13 26.43 -1.69
C SER B 300 13.83 25.35 -0.68
N ASP B 301 12.65 25.41 -0.08
CA ASP B 301 12.23 24.38 0.84
C ASP B 301 11.80 23.10 0.13
N HIS B 302 11.87 23.07 -1.21
CA HIS B 302 11.86 21.81 -1.98
C HIS B 302 13.24 21.61 -2.62
N SER B 303 13.66 20.35 -2.72
CA SER B 303 14.77 19.96 -3.60
C SER B 303 14.22 19.76 -5.01
N PRO B 304 14.96 20.20 -6.04
CA PRO B 304 14.51 19.95 -7.40
C PRO B 304 14.59 18.46 -7.72
N VAL B 305 13.68 17.99 -8.57
CA VAL B 305 13.66 16.60 -9.03
C VAL B 305 13.94 16.52 -10.54
N PHE B 306 14.61 15.47 -10.96
CA PHE B 306 14.95 15.27 -12.37
C PHE B 306 14.51 13.88 -12.82
N GLY B 307 14.50 13.65 -14.13
CA GLY B 307 14.08 12.37 -14.72
C GLY B 307 14.40 12.28 -16.21
N THR B 308 15.18 11.27 -16.59
CA THR B 308 15.63 11.16 -17.98
C THR B 308 15.07 9.91 -18.68
N PHE B 309 14.66 10.08 -19.93
CA PHE B 309 13.99 9.02 -20.68
C PHE B 309 14.60 8.78 -22.04
N GLU B 310 14.49 7.55 -22.53
CA GLU B 310 14.87 7.24 -23.89
C GLU B 310 13.60 6.87 -24.62
N VAL B 311 13.21 7.70 -25.58
CA VAL B 311 11.88 7.63 -26.16
C VAL B 311 11.99 7.42 -27.65
N GLY B 312 11.25 6.45 -28.15
CA GLY B 312 11.28 6.10 -29.56
C GLY B 312 10.52 7.09 -30.41
N VAL B 313 11.15 7.52 -31.49
CA VAL B 313 10.55 8.43 -32.47
C VAL B 313 10.44 7.69 -33.81
N THR B 314 9.62 8.21 -34.72
CA THR B 314 9.50 7.62 -36.06
C THR B 314 9.29 8.67 -37.13
N SER B 315 9.55 8.30 -38.38
CA SER B 315 9.20 9.12 -39.54
C SER B 315 7.68 9.11 -39.75
CL CL C . -23.47 -8.34 9.21
#